data_2AB4
#
_entry.id   2AB4
#
_cell.length_a   157.870
_cell.length_b   51.870
_cell.length_c   57.150
_cell.angle_alpha   90.00
_cell.angle_beta   90.00
_cell.angle_gamma   90.00
#
_symmetry.space_group_name_H-M   'P 21 21 2'
#
loop_
_entity.id
_entity.type
_entity.pdbx_description
1 polymer "5'-R(*CP*CP*AP*CP*GP*GP*UP*(FHU)P*CP*GP*AP*AP*UP*CP*CP*GP*UP*GP*GP*C)-3'"
2 polymer 'tRNA pseudouridine synthase B'
3 non-polymer 'ZINC ION'
4 water water
#
loop_
_entity_poly.entity_id
_entity_poly.type
_entity_poly.pdbx_seq_one_letter_code
_entity_poly.pdbx_strand_id
1 'polyribonucleotide' CCACGGU(FHU)CGAAUCCGUGGC B
2 'polypeptide(L)'
;MKHGILVAYKPKGPTSHDVVDEVRKKLKTRKVGHGGTLDPFACGVLIIGVNQGTRILEFYKDLKKVFWVKMRLGLITETF
DITGEVVEERECNVTEEEIREAIFSFVGEYDQVPPAYSAKKYKGERLYKLAREGKIINLPPKRVKIFKIWDVNIEGRDVS
FRVEVSPGTYIRSLCMDIGYKLGCGATAVELVRESVGPHTIEESLNVFEAAPEEIENRIIPLEKCLEWLPRVVVHQESTK
MILNGSQIHLEMLKEWDGFKKGEVVRVFNEEGRLLALAEAERNSSFLETLRKHERQERVLTLRKVFQTR
;
A
#
# COMPACT_ATOMS: atom_id res chain seq x y z
N MET B 1 -17.71 -17.91 7.76
CA MET B 1 -16.70 -16.84 7.97
C MET B 1 -15.82 -16.71 6.72
N LYS B 2 -15.78 -15.51 6.15
CA LYS B 2 -14.98 -15.26 4.97
C LYS B 2 -13.53 -14.94 5.34
N HIS B 3 -12.59 -15.32 4.48
CA HIS B 3 -11.17 -15.09 4.70
C HIS B 3 -10.55 -14.54 3.42
N GLY B 4 -9.96 -13.35 3.49
CA GLY B 4 -9.36 -12.78 2.30
C GLY B 4 -9.13 -11.29 2.36
N ILE B 5 -8.96 -10.68 1.19
CA ILE B 5 -8.69 -9.26 1.06
C ILE B 5 -9.88 -8.52 0.45
N LEU B 6 -10.07 -7.28 0.89
CA LEU B 6 -11.16 -6.46 0.39
C LEU B 6 -10.62 -5.13 -0.14
N VAL B 7 -10.83 -4.87 -1.41
CA VAL B 7 -10.37 -3.62 -1.99
C VAL B 7 -11.36 -2.55 -1.60
N ALA B 8 -11.07 -1.84 -0.51
CA ALA B 8 -11.94 -0.80 -0.01
C ALA B 8 -11.63 0.59 -0.54
N TYR B 9 -12.62 1.47 -0.43
CA TYR B 9 -12.49 2.86 -0.84
C TYR B 9 -12.68 3.69 0.42
N LYS B 10 -11.67 4.49 0.80
CA LYS B 10 -11.78 5.31 1.99
C LYS B 10 -12.21 6.70 1.62
N PRO B 11 -13.41 7.11 2.03
CA PRO B 11 -13.84 8.47 1.69
C PRO B 11 -12.90 9.50 2.32
N LYS B 12 -12.93 10.72 1.82
CA LYS B 12 -12.11 11.78 2.37
C LYS B 12 -12.69 12.12 3.75
N GLY B 13 -11.83 12.25 4.75
CA GLY B 13 -12.28 12.58 6.09
C GLY B 13 -11.78 11.61 7.14
N PRO B 14 -12.37 10.41 7.20
CA PRO B 14 -11.98 9.40 8.19
C PRO B 14 -10.56 8.84 8.05
N THR B 15 -10.03 8.35 9.16
CA THR B 15 -8.71 7.75 9.20
C THR B 15 -8.82 6.36 8.60
N SER B 16 -7.69 5.73 8.29
CA SER B 16 -7.70 4.39 7.73
C SER B 16 -8.19 3.36 8.74
N HIS B 17 -7.93 3.60 10.03
CA HIS B 17 -8.39 2.67 11.04
C HIS B 17 -9.92 2.78 11.16
N ASP B 18 -10.47 3.96 10.91
CA ASP B 18 -11.92 4.13 10.95
C ASP B 18 -12.60 3.15 9.99
N VAL B 19 -11.99 2.94 8.83
CA VAL B 19 -12.52 2.04 7.82
C VAL B 19 -12.44 0.62 8.37
N VAL B 20 -11.39 0.33 9.12
CA VAL B 20 -11.25 -1.01 9.68
C VAL B 20 -12.38 -1.23 10.70
N ASP B 21 -12.68 -0.21 11.51
CA ASP B 21 -13.75 -0.31 12.49
C ASP B 21 -15.09 -0.55 11.79
N GLU B 22 -15.33 0.19 10.71
CA GLU B 22 -16.57 0.08 9.96
C GLU B 22 -16.75 -1.33 9.43
N VAL B 23 -15.71 -1.87 8.81
CA VAL B 23 -15.75 -3.22 8.27
C VAL B 23 -15.86 -4.26 9.40
N ARG B 24 -15.16 -4.01 10.50
CA ARG B 24 -15.21 -4.98 11.60
C ARG B 24 -16.57 -4.96 12.30
N LYS B 25 -17.30 -3.85 12.15
CA LYS B 25 -18.63 -3.71 12.73
C LYS B 25 -19.69 -4.30 11.78
N LYS B 26 -19.51 -4.05 10.49
CA LYS B 26 -20.41 -4.55 9.47
C LYS B 26 -20.35 -6.07 9.37
N LEU B 27 -19.15 -6.63 9.54
CA LEU B 27 -18.97 -8.08 9.46
C LEU B 27 -18.97 -8.76 10.83
N LYS B 28 -19.13 -7.97 11.89
CA LYS B 28 -19.13 -8.51 13.25
C LYS B 28 -17.94 -9.41 13.52
N THR B 29 -16.73 -8.85 13.37
CA THR B 29 -15.48 -9.55 13.62
C THR B 29 -14.42 -8.53 13.98
N ARG B 30 -13.54 -8.90 14.92
CA ARG B 30 -12.48 -8.02 15.34
C ARG B 30 -11.21 -8.22 14.51
N LYS B 31 -11.15 -9.34 13.77
CA LYS B 31 -9.98 -9.63 12.95
C LYS B 31 -10.01 -8.91 11.61
N VAL B 32 -9.63 -7.64 11.64
CA VAL B 32 -9.61 -6.81 10.45
C VAL B 32 -8.42 -5.85 10.53
N GLY B 33 -7.81 -5.59 9.38
CA GLY B 33 -6.70 -4.66 9.35
C GLY B 33 -6.54 -4.19 7.93
N HIS B 34 -5.63 -3.22 7.72
CA HIS B 34 -5.40 -2.76 6.37
C HIS B 34 -3.93 -2.97 6.05
N GLY B 35 -3.58 -2.88 4.76
CA GLY B 35 -2.20 -3.09 4.38
C GLY B 35 -1.47 -1.89 3.85
N GLY B 36 -1.82 -0.72 4.37
CA GLY B 36 -1.20 0.51 3.92
C GLY B 36 -2.08 1.70 4.25
N THR B 37 -1.64 2.51 5.20
CA THR B 37 -2.40 3.67 5.62
C THR B 37 -2.58 4.72 4.53
N LEU B 38 -3.70 5.45 4.59
CA LEU B 38 -3.99 6.51 3.65
C LEU B 38 -4.37 7.69 4.53
N ASP B 39 -3.78 8.86 4.28
CA ASP B 39 -4.09 10.02 5.10
C ASP B 39 -5.59 10.38 5.12
N PRO B 40 -6.06 10.97 6.23
CA PRO B 40 -7.47 11.37 6.38
C PRO B 40 -7.98 12.32 5.28
N PHE B 41 -7.19 13.35 4.95
CA PHE B 41 -7.62 14.29 3.93
C PHE B 41 -7.67 13.63 2.55
N ALA B 42 -7.05 12.47 2.44
CA ALA B 42 -7.01 11.76 1.17
C ALA B 42 -8.13 10.74 1.05
N CYS B 43 -8.26 10.18 -0.14
CA CYS B 43 -9.28 9.18 -0.40
C CYS B 43 -8.72 8.23 -1.45
N GLY B 44 -9.37 7.08 -1.62
CA GLY B 44 -8.88 6.15 -2.62
C GLY B 44 -8.80 4.72 -2.14
N VAL B 45 -7.95 3.93 -2.76
CA VAL B 45 -7.84 2.51 -2.43
C VAL B 45 -7.19 2.19 -1.09
N LEU B 46 -7.87 1.38 -0.29
CA LEU B 46 -7.34 0.95 1.01
C LEU B 46 -7.49 -0.57 1.09
N ILE B 47 -6.36 -1.30 1.08
CA ILE B 47 -6.42 -2.75 1.14
C ILE B 47 -6.84 -3.14 2.53
N ILE B 48 -7.92 -3.92 2.63
CA ILE B 48 -8.47 -4.36 3.91
C ILE B 48 -8.37 -5.88 4.01
N GLY B 49 -7.85 -6.37 5.13
CA GLY B 49 -7.72 -7.81 5.34
C GLY B 49 -8.75 -8.29 6.35
N VAL B 50 -9.52 -9.31 5.98
CA VAL B 50 -10.55 -9.86 6.85
C VAL B 50 -10.18 -11.25 7.38
N ASN B 51 -10.23 -11.38 8.70
CA ASN B 51 -9.91 -12.63 9.39
C ASN B 51 -8.53 -13.15 8.98
N GLN B 52 -8.48 -14.36 8.47
CA GLN B 52 -7.20 -14.93 8.04
C GLN B 52 -6.53 -14.04 6.99
N GLY B 53 -7.29 -13.16 6.36
CA GLY B 53 -6.72 -12.26 5.37
C GLY B 53 -5.70 -11.29 5.93
N THR B 54 -5.81 -11.00 7.23
CA THR B 54 -4.88 -10.10 7.90
C THR B 54 -3.46 -10.67 7.83
N ARG B 55 -3.37 -11.99 7.89
CA ARG B 55 -2.09 -12.72 7.87
C ARG B 55 -1.28 -12.57 6.59
N ILE B 56 -1.89 -12.02 5.54
CA ILE B 56 -1.20 -11.82 4.28
C ILE B 56 -1.13 -10.36 3.87
N LEU B 57 -1.58 -9.47 4.73
CA LEU B 57 -1.54 -8.03 4.42
C LEU B 57 -0.11 -7.54 4.20
N GLU B 58 0.85 -8.17 4.87
CA GLU B 58 2.24 -7.76 4.77
C GLU B 58 2.82 -7.90 3.36
N PHE B 59 2.18 -8.70 2.53
CA PHE B 59 2.67 -8.88 1.17
C PHE B 59 2.18 -7.82 0.20
N TYR B 60 1.51 -6.79 0.70
CA TYR B 60 1.03 -5.71 -0.17
C TYR B 60 1.88 -4.47 0.04
N LYS B 61 2.87 -4.59 0.91
CA LYS B 61 3.77 -3.50 1.27
C LYS B 61 4.65 -3.04 0.12
N ASP B 62 5.27 -3.98 -0.56
CA ASP B 62 6.17 -3.60 -1.62
C ASP B 62 5.54 -3.42 -2.99
N LEU B 63 4.25 -3.15 -3.03
CA LEU B 63 3.57 -2.92 -4.30
C LEU B 63 3.67 -1.46 -4.71
N LYS B 64 3.62 -1.20 -6.03
CA LYS B 64 3.68 0.18 -6.49
C LYS B 64 2.31 0.83 -6.35
N LYS B 65 2.30 2.15 -6.33
CA LYS B 65 1.08 2.93 -6.16
C LYS B 65 0.96 4.04 -7.19
N VAL B 66 -0.28 4.35 -7.54
CA VAL B 66 -0.54 5.40 -8.51
C VAL B 66 -1.46 6.39 -7.83
N PHE B 67 -1.04 7.65 -7.80
CA PHE B 67 -1.82 8.71 -7.17
C PHE B 67 -2.18 9.84 -8.12
N TRP B 68 -3.24 10.55 -7.76
CA TRP B 68 -3.66 11.76 -8.48
C TRP B 68 -3.57 12.80 -7.36
N VAL B 69 -2.81 13.87 -7.55
CA VAL B 69 -2.69 14.88 -6.51
C VAL B 69 -2.82 16.29 -7.05
N LYS B 70 -3.30 17.20 -6.20
CA LYS B 70 -3.42 18.61 -6.54
C LYS B 70 -2.66 19.36 -5.43
N MET B 71 -1.69 20.17 -5.80
CA MET B 71 -0.92 20.92 -4.78
C MET B 71 -1.13 22.41 -4.96
N ARG B 72 -0.99 23.16 -3.87
CA ARG B 72 -1.18 24.59 -3.88
C ARG B 72 0.18 25.27 -3.77
N LEU B 73 0.63 25.91 -4.86
CA LEU B 73 1.91 26.61 -4.85
C LEU B 73 1.81 27.88 -3.99
N GLY B 74 2.83 28.15 -3.20
CA GLY B 74 2.81 29.34 -2.38
C GLY B 74 2.25 29.07 -1.00
N LEU B 75 1.76 27.86 -0.78
CA LEU B 75 1.20 27.49 0.51
C LEU B 75 2.02 26.38 1.15
N ILE B 76 2.35 26.59 2.43
CA ILE B 76 3.12 25.64 3.20
C ILE B 76 2.40 25.48 4.53
N THR B 77 2.23 24.24 4.99
CA THR B 77 1.56 24.00 6.27
C THR B 77 2.40 23.05 7.10
N GLU B 78 2.07 22.95 8.38
CA GLU B 78 2.83 22.09 9.29
C GLU B 78 2.74 20.62 8.92
N THR B 79 1.57 20.20 8.45
CA THR B 79 1.36 18.80 8.11
C THR B 79 1.59 18.48 6.64
N PHE B 80 1.91 19.50 5.84
CA PHE B 80 2.13 19.32 4.40
C PHE B 80 0.84 19.16 3.58
N ASP B 81 -0.32 19.21 4.24
CA ASP B 81 -1.62 19.13 3.56
C ASP B 81 -2.55 20.25 4.06
N ILE B 82 -3.74 20.38 3.47
CA ILE B 82 -4.65 21.45 3.88
C ILE B 82 -5.37 21.31 5.21
N THR B 83 -5.03 20.27 5.98
CA THR B 83 -5.68 20.08 7.27
C THR B 83 -4.74 20.56 8.36
N GLY B 84 -3.58 21.07 7.97
CA GLY B 84 -2.64 21.54 8.98
C GLY B 84 -2.54 23.05 9.04
N GLU B 85 -2.18 23.57 10.20
CA GLU B 85 -2.03 25.01 10.41
C GLU B 85 -1.11 25.59 9.35
N VAL B 86 -1.47 26.76 8.84
CA VAL B 86 -0.67 27.43 7.81
C VAL B 86 0.57 28.06 8.43
N VAL B 87 1.71 27.93 7.75
CA VAL B 87 2.96 28.51 8.23
C VAL B 87 3.38 29.66 7.31
N GLU B 88 3.00 29.57 6.04
CA GLU B 88 3.35 30.58 5.07
C GLU B 88 2.48 30.50 3.84
N GLU B 89 1.93 31.64 3.43
CA GLU B 89 1.08 31.70 2.25
C GLU B 89 1.41 32.91 1.40
N ARG B 90 2.41 32.75 0.54
CA ARG B 90 2.86 33.80 -0.36
C ARG B 90 2.38 33.56 -1.78
N GLU B 91 2.83 34.39 -2.70
CA GLU B 91 2.46 34.27 -4.10
C GLU B 91 3.56 33.51 -4.84
N CYS B 92 3.16 32.75 -5.84
CA CYS B 92 4.11 32.00 -6.65
C CYS B 92 4.01 32.46 -8.09
N ASN B 93 4.88 33.39 -8.48
CA ASN B 93 4.88 33.89 -9.83
C ASN B 93 5.95 33.17 -10.66
N VAL B 94 5.57 32.02 -11.20
CA VAL B 94 6.46 31.22 -12.03
C VAL B 94 5.66 30.81 -13.25
N THR B 95 6.34 30.63 -14.38
CA THR B 95 5.67 30.26 -15.63
C THR B 95 5.24 28.79 -15.60
N GLU B 96 4.31 28.43 -16.49
CA GLU B 96 3.86 27.07 -16.56
C GLU B 96 4.99 26.14 -16.97
N GLU B 97 5.93 26.66 -17.76
CA GLU B 97 7.05 25.87 -18.22
C GLU B 97 7.98 25.52 -17.06
N GLU B 98 8.18 26.48 -16.16
CA GLU B 98 9.04 26.27 -15.01
C GLU B 98 8.37 25.22 -14.13
N ILE B 99 7.08 25.40 -13.88
CA ILE B 99 6.32 24.45 -13.08
C ILE B 99 6.48 23.01 -13.62
N ARG B 100 6.32 22.83 -14.93
CA ARG B 100 6.45 21.50 -15.53
C ARG B 100 7.87 20.95 -15.38
N GLU B 101 8.88 21.77 -15.67
CA GLU B 101 10.24 21.29 -15.53
C GLU B 101 10.51 20.88 -14.09
N ALA B 102 9.98 21.66 -13.15
CA ALA B 102 10.18 21.37 -11.74
C ALA B 102 9.54 20.03 -11.41
N ILE B 103 8.29 19.84 -11.85
CA ILE B 103 7.56 18.59 -11.60
C ILE B 103 8.32 17.40 -12.19
N PHE B 104 8.64 17.49 -13.48
CA PHE B 104 9.34 16.39 -14.13
C PHE B 104 10.80 16.18 -13.77
N SER B 105 11.39 17.11 -13.03
CA SER B 105 12.78 16.95 -12.63
C SER B 105 12.82 15.83 -11.57
N PHE B 106 11.66 15.52 -10.98
CA PHE B 106 11.60 14.47 -9.97
C PHE B 106 11.36 13.05 -10.50
N VAL B 107 11.13 12.91 -11.80
CA VAL B 107 10.93 11.59 -12.37
C VAL B 107 12.29 10.91 -12.36
N GLY B 108 12.38 9.78 -11.65
CA GLY B 108 13.63 9.06 -11.53
C GLY B 108 13.77 8.69 -10.07
N GLU B 109 14.93 8.92 -9.49
CA GLU B 109 15.14 8.60 -8.08
C GLU B 109 15.67 9.78 -7.29
N TYR B 110 15.35 9.82 -6.00
CA TYR B 110 15.86 10.88 -5.14
C TYR B 110 15.68 10.53 -3.67
N ASP B 111 16.46 11.15 -2.81
CA ASP B 111 16.38 10.88 -1.39
C ASP B 111 15.30 11.76 -0.77
N GLN B 112 14.19 11.13 -0.43
CA GLN B 112 13.05 11.81 0.16
C GLN B 112 13.00 11.66 1.67
N VAL B 113 12.75 12.77 2.37
CA VAL B 113 12.67 12.73 3.83
C VAL B 113 11.19 12.59 4.21
N PRO B 114 10.88 11.67 5.15
CA PRO B 114 9.52 11.41 5.62
C PRO B 114 8.98 12.68 6.28
N PRO B 115 7.71 13.02 6.01
CA PRO B 115 7.16 14.22 6.64
C PRO B 115 7.08 14.04 8.14
N ALA B 116 7.11 15.15 8.88
CA ALA B 116 7.02 15.11 10.33
C ALA B 116 5.71 14.41 10.73
N TYR B 117 4.62 14.73 10.05
CA TYR B 117 3.36 14.06 10.36
C TYR B 117 3.28 12.72 9.61
N SER B 118 3.80 11.67 10.25
CA SER B 118 3.82 10.36 9.64
C SER B 118 3.86 9.30 10.75
N ALA B 119 3.56 8.05 10.41
CA ALA B 119 3.56 6.95 11.37
C ALA B 119 4.95 6.36 11.61
N LYS B 120 5.96 6.97 11.03
CA LYS B 120 7.32 6.48 11.23
C LYS B 120 7.65 6.50 12.72
N LYS B 121 8.47 5.55 13.15
CA LYS B 121 8.88 5.49 14.56
C LYS B 121 10.30 6.06 14.73
N TYR B 122 10.50 6.82 15.79
CA TYR B 122 11.81 7.41 16.04
C TYR B 122 12.49 6.73 17.22
N LYS B 123 11.97 6.94 18.42
CA LYS B 123 12.55 6.28 19.59
C LYS B 123 11.41 5.71 20.37
N GLY B 124 10.74 4.73 19.77
CA GLY B 124 9.60 4.09 20.41
C GLY B 124 8.36 4.96 20.28
N GLU B 125 8.47 6.02 19.49
CA GLU B 125 7.34 6.93 19.31
C GLU B 125 6.99 7.25 17.86
N ARG B 126 5.70 7.44 17.58
CA ARG B 126 5.25 7.78 16.24
C ARG B 126 5.64 9.23 15.94
N LEU B 127 6.02 9.53 14.70
CA LEU B 127 6.43 10.90 14.39
C LEU B 127 5.30 11.92 14.49
N TYR B 128 4.08 11.51 14.16
CA TYR B 128 2.98 12.47 14.24
C TYR B 128 2.70 12.83 15.67
N LYS B 129 3.02 11.93 16.58
CA LYS B 129 2.80 12.17 17.99
C LYS B 129 3.81 13.23 18.45
N LEU B 130 5.09 13.01 18.14
CA LEU B 130 6.15 13.93 18.50
C LEU B 130 5.94 15.28 17.81
N ALA B 131 5.29 15.24 16.66
CA ALA B 131 5.02 16.44 15.86
C ALA B 131 3.92 17.29 16.48
N ARG B 132 2.89 16.65 17.02
CA ARG B 132 1.81 17.37 17.65
C ARG B 132 2.29 18.05 18.93
N GLU B 133 3.34 17.50 19.55
CA GLU B 133 3.91 18.07 20.78
C GLU B 133 4.85 19.21 20.40
N GLY B 134 4.94 19.48 19.10
CA GLY B 134 5.80 20.55 18.63
C GLY B 134 7.21 20.13 18.26
N LYS B 135 7.54 18.86 18.51
CA LYS B 135 8.88 18.37 18.19
C LYS B 135 8.88 17.78 16.77
N ILE B 136 9.59 18.44 15.87
CA ILE B 136 9.69 18.01 14.48
C ILE B 136 10.98 17.22 14.24
N ILE B 137 10.84 15.95 13.88
CA ILE B 137 11.98 15.09 13.62
C ILE B 137 12.26 14.90 12.13
N ASN B 138 13.54 15.01 11.76
CA ASN B 138 13.99 14.83 10.38
C ASN B 138 14.69 13.48 10.28
N LEU B 139 13.95 12.46 9.88
CA LEU B 139 14.52 11.13 9.78
C LEU B 139 15.41 11.00 8.53
N PRO B 140 16.42 10.12 8.60
CA PRO B 140 17.27 9.97 7.43
C PRO B 140 16.43 9.71 6.18
N PRO B 141 16.88 10.17 5.03
CA PRO B 141 16.13 9.97 3.79
C PRO B 141 16.04 8.54 3.29
N LYS B 142 15.01 8.30 2.49
CA LYS B 142 14.83 7.01 1.88
C LYS B 142 14.90 7.24 0.36
N ARG B 143 15.70 6.45 -0.33
CA ARG B 143 15.83 6.57 -1.78
C ARG B 143 14.53 6.03 -2.40
N VAL B 144 13.66 6.93 -2.83
CA VAL B 144 12.40 6.53 -3.44
C VAL B 144 12.49 6.70 -4.94
N LYS B 145 11.59 6.03 -5.66
CA LYS B 145 11.59 6.10 -7.10
C LYS B 145 10.26 6.62 -7.67
N ILE B 146 10.35 7.64 -8.51
CA ILE B 146 9.18 8.21 -9.18
C ILE B 146 9.26 7.68 -10.60
N PHE B 147 8.49 6.62 -10.85
CA PHE B 147 8.44 5.94 -12.13
C PHE B 147 7.93 6.80 -13.25
N LYS B 148 6.86 7.54 -13.02
CA LYS B 148 6.31 8.35 -14.09
C LYS B 148 5.30 9.39 -13.60
N ILE B 149 5.27 10.51 -14.30
CA ILE B 149 4.32 11.57 -13.97
C ILE B 149 3.60 11.94 -15.25
N TRP B 150 2.29 12.20 -15.14
CA TRP B 150 1.51 12.60 -16.31
C TRP B 150 0.24 13.38 -15.93
N ASP B 151 -0.59 13.69 -16.93
CA ASP B 151 -1.83 14.42 -16.69
C ASP B 151 -1.63 15.68 -15.88
N VAL B 152 -0.60 16.46 -16.23
CA VAL B 152 -0.32 17.68 -15.50
C VAL B 152 -1.30 18.79 -15.92
N ASN B 153 -1.99 19.33 -14.93
CA ASN B 153 -2.97 20.39 -15.16
C ASN B 153 -2.62 21.59 -14.28
N ILE B 154 -2.53 22.77 -14.89
CA ILE B 154 -2.20 23.98 -14.16
C ILE B 154 -3.36 24.98 -14.20
N GLU B 155 -3.90 25.28 -13.03
CA GLU B 155 -5.00 26.23 -12.91
C GLU B 155 -4.64 27.26 -11.85
N GLY B 156 -3.82 28.23 -12.23
CA GLY B 156 -3.38 29.25 -11.29
C GLY B 156 -2.27 28.75 -10.39
N ARG B 157 -2.54 28.72 -9.09
CA ARG B 157 -1.55 28.25 -8.12
C ARG B 157 -1.77 26.76 -7.86
N ASP B 158 -2.95 26.27 -8.23
CA ASP B 158 -3.29 24.87 -8.06
C ASP B 158 -2.86 24.03 -9.24
N VAL B 159 -1.95 23.10 -9.00
CA VAL B 159 -1.43 22.21 -10.04
C VAL B 159 -1.72 20.76 -9.66
N SER B 160 -2.24 19.98 -10.62
CA SER B 160 -2.54 18.58 -10.35
C SER B 160 -1.83 17.69 -11.36
N PHE B 161 -1.68 16.42 -10.99
CA PHE B 161 -1.03 15.43 -11.86
C PHE B 161 -1.11 14.01 -11.28
N ARG B 162 -0.71 13.02 -12.07
CA ARG B 162 -0.71 11.64 -11.60
C ARG B 162 0.72 11.16 -11.52
N VAL B 163 0.99 10.28 -10.54
CA VAL B 163 2.32 9.72 -10.33
C VAL B 163 2.30 8.29 -9.88
N GLU B 164 3.15 7.47 -10.49
CA GLU B 164 3.28 6.06 -10.14
C GLU B 164 4.50 6.09 -9.25
N VAL B 165 4.35 5.63 -8.02
CA VAL B 165 5.46 5.71 -7.09
C VAL B 165 5.85 4.38 -6.43
N SER B 166 7.09 4.29 -5.97
CA SER B 166 7.58 3.07 -5.35
C SER B 166 7.12 3.03 -3.91
N PRO B 167 7.09 1.83 -3.29
CA PRO B 167 6.64 1.70 -1.90
C PRO B 167 7.40 2.58 -0.94
N GLY B 168 6.65 3.13 0.01
CA GLY B 168 7.24 4.00 1.02
C GLY B 168 7.40 5.45 0.62
N THR B 169 6.88 5.84 -0.54
CA THR B 169 6.96 7.23 -1.03
C THR B 169 5.80 8.09 -0.53
N TYR B 170 6.10 9.27 0.00
CA TYR B 170 5.06 10.19 0.47
C TYR B 170 4.84 11.26 -0.58
N ILE B 171 3.59 11.40 -1.03
CA ILE B 171 3.25 12.40 -2.03
C ILE B 171 3.30 13.76 -1.38
N ARG B 172 3.03 13.79 -0.08
CA ARG B 172 3.05 15.02 0.70
C ARG B 172 4.44 15.63 0.57
N SER B 173 5.47 14.81 0.80
CA SER B 173 6.83 15.29 0.72
C SER B 173 7.20 15.66 -0.71
N LEU B 174 6.68 14.89 -1.67
CA LEU B 174 6.96 15.14 -3.08
C LEU B 174 6.49 16.55 -3.42
N CYS B 175 5.26 16.90 -3.03
CA CYS B 175 4.72 18.21 -3.34
C CYS B 175 5.59 19.32 -2.75
N MET B 176 5.91 19.17 -1.47
CA MET B 176 6.74 20.15 -0.80
C MET B 176 8.07 20.24 -1.54
N ASP B 177 8.62 19.10 -1.96
CA ASP B 177 9.90 19.08 -2.67
C ASP B 177 9.84 19.78 -4.03
N ILE B 178 8.76 19.59 -4.75
CA ILE B 178 8.62 20.26 -6.03
C ILE B 178 8.43 21.75 -5.76
N GLY B 179 7.74 22.07 -4.68
CA GLY B 179 7.52 23.47 -4.36
C GLY B 179 8.84 24.12 -4.02
N TYR B 180 9.67 23.40 -3.29
CA TYR B 180 10.97 23.91 -2.91
C TYR B 180 11.82 24.14 -4.14
N LYS B 181 11.73 23.23 -5.10
CA LYS B 181 12.49 23.32 -6.34
C LYS B 181 12.07 24.59 -7.09
N LEU B 182 10.78 24.91 -7.04
CA LEU B 182 10.27 26.11 -7.70
C LEU B 182 10.59 27.36 -6.88
N GLY B 183 10.97 27.13 -5.62
CA GLY B 183 11.32 28.20 -4.72
C GLY B 183 10.15 28.95 -4.11
N CYS B 184 8.96 28.39 -4.19
CA CYS B 184 7.82 29.09 -3.64
C CYS B 184 6.93 28.24 -2.74
N GLY B 185 7.33 27.00 -2.49
CA GLY B 185 6.54 26.13 -1.62
C GLY B 185 5.26 25.57 -2.20
N ALA B 186 4.86 24.40 -1.74
CA ALA B 186 3.65 23.77 -2.23
C ALA B 186 3.11 22.79 -1.21
N THR B 187 1.79 22.69 -1.14
CA THR B 187 1.14 21.81 -0.19
C THR B 187 0.06 21.01 -0.92
N ALA B 188 -0.05 19.73 -0.57
CA ALA B 188 -1.04 18.86 -1.16
C ALA B 188 -2.41 19.20 -0.57
N VAL B 189 -3.34 19.60 -1.43
CA VAL B 189 -4.69 19.97 -1.01
C VAL B 189 -5.71 18.87 -1.30
N GLU B 190 -5.37 17.99 -2.25
CA GLU B 190 -6.22 16.87 -2.62
C GLU B 190 -5.34 15.69 -2.97
N LEU B 191 -5.73 14.51 -2.50
CA LEU B 191 -4.97 13.29 -2.76
C LEU B 191 -5.87 12.06 -2.96
N VAL B 192 -5.71 11.40 -4.09
CA VAL B 192 -6.48 10.20 -4.39
C VAL B 192 -5.57 9.05 -4.78
N ARG B 193 -5.53 8.01 -3.95
CA ARG B 193 -4.71 6.84 -4.26
C ARG B 193 -5.58 6.03 -5.21
N GLU B 194 -5.25 6.08 -6.50
CA GLU B 194 -6.05 5.35 -7.48
C GLU B 194 -5.73 3.87 -7.62
N SER B 195 -4.59 3.42 -7.10
CA SER B 195 -4.27 2.00 -7.22
C SER B 195 -3.10 1.55 -6.36
N VAL B 196 -3.23 0.34 -5.81
CA VAL B 196 -2.20 -0.26 -5.00
C VAL B 196 -1.92 -1.58 -5.71
N GLY B 197 -0.83 -1.65 -6.44
CA GLY B 197 -0.54 -2.86 -7.20
C GLY B 197 -1.57 -2.97 -8.32
N PRO B 198 -2.23 -4.14 -8.47
CA PRO B 198 -3.26 -4.35 -9.50
C PRO B 198 -4.65 -3.89 -9.05
N HIS B 199 -4.79 -3.53 -7.78
CA HIS B 199 -6.07 -3.08 -7.24
C HIS B 199 -6.32 -1.61 -7.47
N THR B 200 -7.41 -1.33 -8.17
CA THR B 200 -7.80 0.04 -8.54
C THR B 200 -8.96 0.62 -7.76
N ILE B 201 -9.11 1.94 -7.86
CA ILE B 201 -10.20 2.61 -7.17
C ILE B 201 -11.52 2.18 -7.81
N GLU B 202 -11.48 1.80 -9.08
CA GLU B 202 -12.67 1.36 -9.79
C GLU B 202 -13.26 0.11 -9.15
N GLU B 203 -12.40 -0.71 -8.56
CA GLU B 203 -12.86 -1.95 -7.92
C GLU B 203 -13.19 -1.71 -6.45
N SER B 204 -12.65 -0.64 -5.88
CA SER B 204 -12.88 -0.31 -4.47
C SER B 204 -14.34 -0.26 -4.11
N LEU B 205 -14.61 -0.51 -2.83
CA LEU B 205 -15.97 -0.49 -2.30
C LEU B 205 -16.03 0.42 -1.09
N ASN B 206 -17.01 1.32 -1.05
CA ASN B 206 -17.16 2.21 0.09
C ASN B 206 -17.90 1.43 1.18
N VAL B 207 -17.15 0.87 2.12
CA VAL B 207 -17.76 0.08 3.20
C VAL B 207 -18.77 0.90 4.01
N PHE B 208 -18.52 2.21 4.13
CA PHE B 208 -19.41 3.08 4.87
C PHE B 208 -20.82 3.11 4.29
N GLU B 209 -20.94 2.90 2.98
CA GLU B 209 -22.24 2.90 2.34
C GLU B 209 -22.74 1.52 1.93
N ALA B 210 -21.87 0.52 2.00
CA ALA B 210 -22.27 -0.83 1.63
C ALA B 210 -22.81 -1.61 2.81
N ALA B 211 -23.68 -2.57 2.51
CA ALA B 211 -24.29 -3.40 3.55
C ALA B 211 -23.44 -4.66 3.71
N PRO B 212 -23.53 -5.31 4.89
CA PRO B 212 -22.77 -6.52 5.18
C PRO B 212 -22.78 -7.54 4.05
N GLU B 213 -23.92 -7.68 3.39
CA GLU B 213 -24.06 -8.63 2.29
C GLU B 213 -23.08 -8.27 1.16
N GLU B 214 -23.11 -7.00 0.76
CA GLU B 214 -22.25 -6.52 -0.31
C GLU B 214 -20.76 -6.59 0.03
N ILE B 215 -20.40 -6.21 1.26
CA ILE B 215 -19.01 -6.25 1.67
C ILE B 215 -18.49 -7.69 1.69
N GLU B 216 -19.34 -8.61 2.12
CA GLU B 216 -18.97 -10.01 2.20
C GLU B 216 -18.75 -10.62 0.82
N ASN B 217 -19.62 -10.30 -0.14
CA ASN B 217 -19.49 -10.85 -1.49
C ASN B 217 -18.39 -10.16 -2.29
N ARG B 218 -17.83 -9.09 -1.73
CA ARG B 218 -16.79 -8.34 -2.41
C ARG B 218 -15.42 -8.84 -1.99
N ILE B 219 -15.37 -9.53 -0.85
CA ILE B 219 -14.11 -10.06 -0.34
C ILE B 219 -13.47 -11.07 -1.28
N ILE B 220 -12.20 -10.84 -1.63
CA ILE B 220 -11.47 -11.76 -2.50
C ILE B 220 -10.96 -12.89 -1.61
N PRO B 221 -11.37 -14.14 -1.90
CA PRO B 221 -10.92 -15.27 -1.09
C PRO B 221 -9.40 -15.41 -1.11
N LEU B 222 -8.85 -16.04 -0.08
CA LEU B 222 -7.41 -16.23 0.00
C LEU B 222 -6.84 -16.90 -1.26
N GLU B 223 -7.60 -17.85 -1.80
CA GLU B 223 -7.17 -18.59 -2.98
C GLU B 223 -6.94 -17.71 -4.19
N LYS B 224 -7.56 -16.53 -4.18
CA LYS B 224 -7.42 -15.58 -5.29
C LYS B 224 -6.62 -14.32 -4.94
N CYS B 225 -5.81 -14.37 -3.89
CA CYS B 225 -5.02 -13.22 -3.49
C CYS B 225 -3.57 -13.37 -3.90
N LEU B 226 -2.82 -12.26 -3.91
CA LEU B 226 -1.40 -12.29 -4.25
C LEU B 226 -1.19 -12.98 -5.60
N GLU B 227 -2.15 -12.77 -6.48
CA GLU B 227 -2.17 -13.35 -7.82
C GLU B 227 -0.84 -13.36 -8.56
N TRP B 228 0.04 -12.41 -8.24
CA TRP B 228 1.32 -12.26 -8.91
C TRP B 228 2.49 -13.12 -8.42
N LEU B 229 2.25 -13.98 -7.44
CA LEU B 229 3.33 -14.83 -6.92
C LEU B 229 3.29 -16.23 -7.50
N PRO B 230 4.47 -16.80 -7.82
CA PRO B 230 4.52 -18.14 -8.38
C PRO B 230 3.71 -19.09 -7.53
N ARG B 231 3.05 -20.07 -8.15
CA ARG B 231 2.27 -21.02 -7.39
C ARG B 231 2.77 -22.45 -7.53
N VAL B 232 2.37 -23.29 -6.59
CA VAL B 232 2.74 -24.69 -6.57
C VAL B 232 1.58 -25.50 -6.01
N VAL B 233 1.36 -26.69 -6.54
CA VAL B 233 0.28 -27.54 -6.07
C VAL B 233 0.80 -28.89 -5.61
N VAL B 234 0.40 -29.29 -4.41
CA VAL B 234 0.81 -30.56 -3.85
C VAL B 234 -0.39 -31.51 -3.83
N HIS B 235 -0.11 -32.81 -3.70
CA HIS B 235 -1.15 -33.82 -3.68
C HIS B 235 -2.13 -33.59 -2.53
N GLN B 236 -3.41 -33.84 -2.80
CA GLN B 236 -4.47 -33.66 -1.80
C GLN B 236 -4.16 -34.50 -0.57
N GLU B 237 -3.26 -35.45 -0.74
CA GLU B 237 -2.85 -36.35 0.32
C GLU B 237 -1.90 -35.64 1.28
N SER B 238 -1.05 -34.77 0.71
CA SER B 238 -0.07 -34.00 1.48
C SER B 238 -0.73 -32.84 2.20
N THR B 239 -2.01 -32.61 1.89
CA THR B 239 -2.77 -31.51 2.49
C THR B 239 -2.63 -31.37 4.00
N LYS B 240 -3.43 -32.11 4.75
CA LYS B 240 -3.43 -32.05 6.21
C LYS B 240 -2.06 -32.14 6.88
N MET B 241 -1.06 -32.58 6.14
CA MET B 241 0.29 -32.67 6.69
C MET B 241 0.89 -31.27 6.74
N ILE B 242 0.87 -30.58 5.60
CA ILE B 242 1.40 -29.22 5.51
C ILE B 242 0.42 -28.31 6.24
N LEU B 243 -0.86 -28.59 6.05
CA LEU B 243 -1.93 -27.83 6.68
C LEU B 243 -1.98 -28.25 8.14
N ASN B 244 -0.84 -28.13 8.81
CA ASN B 244 -0.74 -28.49 10.21
C ASN B 244 0.67 -28.20 10.69
N GLY B 245 1.66 -28.65 9.90
CA GLY B 245 3.03 -28.43 10.25
C GLY B 245 3.95 -28.88 9.13
N SER B 246 5.02 -29.57 9.50
CA SER B 246 5.99 -30.08 8.53
C SER B 246 6.46 -28.99 7.58
N GLN B 247 7.10 -29.41 6.49
CA GLN B 247 7.59 -28.49 5.48
C GLN B 247 7.03 -28.97 4.16
N ILE B 248 7.66 -28.57 3.07
CA ILE B 248 7.22 -28.97 1.74
C ILE B 248 8.39 -29.58 0.99
N HIS B 249 8.25 -30.85 0.61
CA HIS B 249 9.33 -31.55 -0.05
C HIS B 249 9.09 -32.06 -1.48
N LEU B 250 10.18 -32.05 -2.23
CA LEU B 250 10.25 -32.44 -3.63
C LEU B 250 9.24 -33.46 -4.15
N GLU B 251 8.87 -34.45 -3.34
CA GLU B 251 7.88 -35.42 -3.78
C GLU B 251 6.58 -35.30 -3.01
N MET B 252 6.00 -34.10 -3.09
CA MET B 252 4.73 -33.75 -2.49
C MET B 252 4.18 -32.80 -3.55
N LEU B 253 5.11 -32.15 -4.22
CA LEU B 253 4.81 -31.22 -5.27
C LEU B 253 4.11 -31.93 -6.42
N LYS B 254 3.72 -31.17 -7.43
CA LYS B 254 3.06 -31.75 -8.58
C LYS B 254 3.19 -30.80 -9.77
N GLU B 255 3.17 -29.49 -9.49
CA GLU B 255 3.28 -28.54 -10.58
C GLU B 255 4.28 -27.38 -10.45
N TRP B 256 4.84 -27.07 -11.61
CA TRP B 256 5.87 -26.07 -11.84
C TRP B 256 5.81 -24.64 -11.31
N ASP B 257 5.81 -23.69 -12.23
CA ASP B 257 5.84 -22.27 -11.93
C ASP B 257 7.26 -22.03 -11.41
N GLY B 258 7.97 -21.10 -12.04
CA GLY B 258 9.34 -20.85 -11.63
C GLY B 258 9.52 -19.75 -10.59
N PHE B 259 10.36 -20.03 -9.60
CA PHE B 259 10.65 -19.06 -8.56
C PHE B 259 12.12 -18.69 -8.55
N LYS B 260 12.54 -17.97 -7.52
CA LYS B 260 13.91 -17.52 -7.37
C LYS B 260 14.52 -18.11 -6.10
N LYS B 261 15.47 -17.40 -5.49
CA LYS B 261 16.10 -17.86 -4.28
C LYS B 261 15.13 -17.78 -3.11
N GLY B 262 15.13 -16.67 -2.39
CA GLY B 262 14.24 -16.50 -1.27
C GLY B 262 12.90 -15.89 -1.66
N GLU B 263 12.41 -16.29 -2.82
CA GLU B 263 11.15 -15.79 -3.35
C GLU B 263 9.98 -16.49 -2.64
N VAL B 264 8.85 -15.80 -2.53
CA VAL B 264 7.68 -16.37 -1.87
C VAL B 264 6.73 -17.01 -2.88
N VAL B 265 6.18 -18.17 -2.52
CA VAL B 265 5.28 -18.89 -3.40
C VAL B 265 4.00 -19.32 -2.69
N ARG B 266 2.93 -19.47 -3.47
CA ARG B 266 1.64 -19.88 -2.95
C ARG B 266 1.54 -21.40 -3.04
N VAL B 267 1.14 -22.03 -1.94
CA VAL B 267 1.00 -23.48 -1.87
C VAL B 267 -0.46 -23.92 -1.91
N PHE B 268 -0.88 -24.47 -3.05
CA PHE B 268 -2.25 -24.96 -3.22
C PHE B 268 -2.27 -26.47 -3.13
N ASN B 269 -3.40 -27.07 -3.52
CA ASN B 269 -3.54 -28.52 -3.49
C ASN B 269 -4.46 -28.94 -4.61
N GLU B 270 -4.84 -30.22 -4.63
CA GLU B 270 -5.71 -30.77 -5.66
C GLU B 270 -7.01 -29.99 -5.81
N GLU B 271 -7.68 -29.74 -4.69
CA GLU B 271 -8.95 -29.03 -4.67
C GLU B 271 -8.84 -27.51 -4.80
N GLY B 272 -7.68 -27.05 -5.26
CA GLY B 272 -7.47 -25.62 -5.43
C GLY B 272 -7.35 -24.80 -4.15
N ARG B 273 -7.63 -25.42 -3.01
CA ARG B 273 -7.54 -24.73 -1.73
C ARG B 273 -6.13 -24.21 -1.46
N LEU B 274 -6.03 -22.96 -1.02
CA LEU B 274 -4.73 -22.36 -0.71
C LEU B 274 -4.28 -22.82 0.66
N LEU B 275 -3.38 -23.80 0.70
CA LEU B 275 -2.88 -24.34 1.96
C LEU B 275 -2.00 -23.39 2.74
N ALA B 276 -0.98 -22.83 2.07
CA ALA B 276 -0.09 -21.92 2.78
C ALA B 276 0.87 -21.16 1.87
N LEU B 277 1.70 -20.32 2.49
CA LEU B 277 2.70 -19.54 1.77
C LEU B 277 4.08 -20.00 2.20
N ALA B 278 4.87 -20.47 1.25
CA ALA B 278 6.21 -20.94 1.56
C ALA B 278 7.27 -20.12 0.85
N GLU B 279 8.45 -20.03 1.46
CA GLU B 279 9.55 -19.27 0.89
C GLU B 279 10.53 -20.22 0.21
N ALA B 280 10.75 -20.02 -1.08
CA ALA B 280 11.65 -20.86 -1.85
C ALA B 280 13.04 -20.92 -1.20
N GLU B 281 13.67 -22.08 -1.28
CA GLU B 281 14.99 -22.26 -0.70
C GLU B 281 16.06 -22.19 -1.78
N ARG B 282 15.70 -22.64 -2.99
CA ARG B 282 16.61 -22.64 -4.12
C ARG B 282 15.85 -22.33 -5.40
N ASN B 283 16.56 -21.85 -6.41
CA ASN B 283 15.92 -21.51 -7.69
C ASN B 283 15.27 -22.76 -8.27
N SER B 284 14.12 -22.59 -8.90
CA SER B 284 13.40 -23.71 -9.50
C SER B 284 14.10 -24.24 -10.74
N SER B 285 14.67 -25.43 -10.60
CA SER B 285 15.38 -26.09 -11.69
C SER B 285 15.54 -27.58 -11.37
N PHE B 286 14.50 -28.34 -11.73
CA PHE B 286 14.48 -29.79 -11.50
C PHE B 286 14.79 -30.13 -10.06
N ARG B 295 17.45 -35.86 -4.35
CA ARG B 295 16.47 -34.78 -4.51
C ARG B 295 15.30 -34.89 -3.53
N GLN B 296 15.61 -34.75 -2.25
CA GLN B 296 14.60 -34.83 -1.19
C GLN B 296 14.91 -33.78 -0.13
N GLU B 297 15.34 -32.60 -0.59
CA GLU B 297 15.69 -31.51 0.31
C GLU B 297 14.55 -30.50 0.50
N ARG B 298 14.85 -29.45 1.26
CA ARG B 298 13.90 -28.38 1.55
C ARG B 298 13.59 -27.56 0.31
N VAL B 299 12.58 -27.96 -0.45
CA VAL B 299 12.22 -27.22 -1.64
C VAL B 299 11.70 -25.84 -1.24
N LEU B 300 10.76 -25.85 -0.31
CA LEU B 300 10.14 -24.63 0.18
C LEU B 300 9.94 -24.72 1.70
N THR B 301 10.13 -23.60 2.39
CA THR B 301 9.96 -23.58 3.83
C THR B 301 8.73 -22.77 4.19
N LEU B 302 7.77 -23.42 4.83
CA LEU B 302 6.54 -22.74 5.23
C LEU B 302 6.84 -21.46 5.97
N ARG B 303 6.21 -20.37 5.52
CA ARG B 303 6.40 -19.07 6.13
C ARG B 303 5.07 -18.57 6.69
N LYS B 304 3.99 -19.28 6.36
CA LYS B 304 2.66 -18.93 6.83
C LYS B 304 1.70 -20.04 6.42
N VAL B 305 0.81 -20.46 7.32
CA VAL B 305 -0.15 -21.51 7.03
C VAL B 305 -1.56 -21.13 7.49
N PHE B 306 -2.54 -21.31 6.62
CA PHE B 306 -3.91 -20.94 6.96
C PHE B 306 -4.79 -22.14 7.29
N GLN B 307 -5.42 -22.10 8.46
CA GLN B 307 -6.29 -23.17 8.92
C GLN B 307 -7.73 -22.69 8.93
N THR B 308 -8.60 -23.36 8.18
CA THR B 308 -10.01 -23.00 8.12
C THR B 308 -10.91 -24.24 8.17
#